data_2DC5
#
_entry.id   2DC5
#
_cell.length_a   86.385
_cell.length_b   94.610
_cell.length_c   57.761
_cell.angle_alpha   90.00
_cell.angle_beta   90.00
_cell.angle_gamma   90.00
#
_symmetry.space_group_name_H-M   'P 21 21 2'
#
loop_
_entity.id
_entity.type
_entity.pdbx_description
1 polymer 'Glutathione S-transferase, mu 7'
2 water water
#
_entity_poly.entity_id   1
_entity_poly.type   'polypeptide(L)'
_entity_poly.pdbx_seq_one_letter_code
;GSSGSSG(MSE)P(MSE)TLGYWDIRGLAHAIRLFLEYTDSSYEEKRYT(MSE)GDAPDYDQSQWLNEKFKLGLDFPNLP
YLIDGSHKITQSNAILRYLGRKHNLCGETEEERIRVDILENQL(MSE)DNR(MSE)VLARLCYNADFEKLKPGYLEQLPG
(MSE)(MSE)RLYSEFLGKRPWFAGDKITFVDFIAYDVLERNQVFEAKCLDAFPNLKDFIARFEGLKKISDY(MSE)KTS
RFLPRP(MSE)FTK(MSE)ATWGSNSGPSSG
;
_entity_poly.pdbx_strand_id   A,B
#
# COMPACT_ATOMS: atom_id res chain seq x y z
N MSE A 8 26.32 10.90 -3.81
CA MSE A 8 25.74 10.35 -5.08
C MSE A 8 26.84 9.80 -5.97
O MSE A 8 28.03 9.99 -5.70
CB MSE A 8 24.97 11.45 -5.80
CG MSE A 8 23.78 11.98 -5.04
SE MSE A 8 22.75 13.24 -6.08
CE MSE A 8 23.79 14.82 -5.76
N PRO A 9 26.46 9.12 -7.07
CA PRO A 9 25.09 8.83 -7.51
C PRO A 9 24.35 7.93 -6.52
N MSE A 10 23.03 7.99 -6.57
CA MSE A 10 22.19 7.16 -5.71
C MSE A 10 22.23 5.76 -6.31
O MSE A 10 22.60 5.59 -7.47
CB MSE A 10 20.75 7.66 -5.71
CG MSE A 10 20.55 9.04 -5.15
SE MSE A 10 18.67 9.48 -5.19
CE MSE A 10 18.59 10.15 -6.98
N THR A 11 21.83 4.76 -5.54
CA THR A 11 21.81 3.40 -6.04
C THR A 11 20.42 2.80 -5.94
N LEU A 12 19.88 2.36 -7.07
CA LEU A 12 18.57 1.71 -7.09
C LEU A 12 18.87 0.23 -7.29
N GLY A 13 18.33 -0.61 -6.41
CA GLY A 13 18.56 -2.03 -6.54
C GLY A 13 17.25 -2.77 -6.76
N TYR A 14 17.25 -3.71 -7.71
CA TYR A 14 16.08 -4.51 -8.00
C TYR A 14 16.46 -5.64 -8.94
N TRP A 15 15.51 -6.52 -9.25
CA TRP A 15 15.79 -7.62 -10.16
C TRP A 15 15.94 -7.04 -11.57
N ASP A 16 16.50 -7.84 -12.48
CA ASP A 16 16.69 -7.40 -13.85
C ASP A 16 15.40 -7.60 -14.66
N ILE A 17 14.31 -7.08 -14.11
CA ILE A 17 13.00 -7.15 -14.74
C ILE A 17 12.28 -5.82 -14.49
N ARG A 18 11.13 -5.63 -15.12
CA ARG A 18 10.35 -4.42 -14.94
C ARG A 18 9.77 -4.43 -13.51
N GLY A 19 8.95 -5.43 -13.24
CA GLY A 19 8.36 -5.59 -11.93
C GLY A 19 7.93 -4.35 -11.16
N LEU A 20 8.40 -4.23 -9.92
CA LEU A 20 8.06 -3.12 -9.04
C LEU A 20 8.94 -1.87 -9.15
N ALA A 21 9.95 -1.92 -10.03
CA ALA A 21 10.86 -0.77 -10.15
C ALA A 21 10.66 0.12 -11.36
N HIS A 22 9.68 -0.21 -12.19
CA HIS A 22 9.44 0.58 -13.40
C HIS A 22 9.16 2.05 -13.12
N ALA A 23 8.23 2.33 -12.22
CA ALA A 23 7.89 3.71 -11.89
C ALA A 23 9.08 4.47 -11.31
N ILE A 24 9.90 3.77 -10.52
CA ILE A 24 11.06 4.41 -9.91
C ILE A 24 12.10 4.77 -10.95
N ARG A 25 12.39 3.84 -11.86
CA ARG A 25 13.36 4.11 -12.92
C ARG A 25 12.89 5.30 -13.75
N LEU A 26 11.62 5.31 -14.11
CA LEU A 26 11.08 6.40 -14.92
C LEU A 26 11.11 7.73 -14.16
N PHE A 27 10.82 7.69 -12.87
CA PHE A 27 10.82 8.91 -12.06
C PHE A 27 12.24 9.45 -11.87
N LEU A 28 13.21 8.55 -11.74
CA LEU A 28 14.60 8.95 -11.59
C LEU A 28 15.03 9.68 -12.86
N GLU A 29 14.56 9.18 -14.01
CA GLU A 29 14.89 9.81 -15.28
C GLU A 29 14.20 11.18 -15.41
N TYR A 30 12.91 11.23 -15.10
CA TYR A 30 12.16 12.48 -15.19
C TYR A 30 12.74 13.60 -14.32
N THR A 31 13.15 13.24 -13.12
CA THR A 31 13.70 14.21 -12.16
C THR A 31 15.18 14.53 -12.38
N ASP A 32 15.74 13.97 -13.45
CA ASP A 32 17.15 14.19 -13.78
C ASP A 32 18.06 13.82 -12.60
N SER A 33 17.72 12.73 -11.93
CA SER A 33 18.48 12.26 -10.78
C SER A 33 19.81 11.63 -11.20
N SER A 34 20.79 11.73 -10.31
CA SER A 34 22.09 11.11 -10.57
C SER A 34 22.00 9.75 -9.88
N TYR A 35 22.02 8.69 -10.67
CA TYR A 35 21.89 7.35 -10.09
C TYR A 35 22.47 6.25 -10.96
N GLU A 36 22.70 5.11 -10.32
CA GLU A 36 23.19 3.91 -11.00
C GLU A 36 22.31 2.80 -10.47
N GLU A 37 22.36 1.64 -11.10
CA GLU A 37 21.52 0.53 -10.66
C GLU A 37 22.24 -0.77 -10.43
N LYS A 38 21.57 -1.61 -9.65
CA LYS A 38 21.99 -2.96 -9.39
C LYS A 38 20.79 -3.67 -9.99
N ARG A 39 21.03 -4.56 -10.95
CA ARG A 39 19.95 -5.32 -11.57
C ARG A 39 20.32 -6.78 -11.39
N TYR A 40 19.90 -7.33 -10.25
CA TYR A 40 20.19 -8.70 -9.89
C TYR A 40 19.56 -9.72 -10.81
N THR A 41 20.31 -10.76 -11.14
CA THR A 41 19.82 -11.82 -12.01
C THR A 41 19.40 -13.03 -11.19
N MSE A 42 18.22 -13.56 -11.49
CA MSE A 42 17.72 -14.73 -10.79
C MSE A 42 17.99 -15.96 -11.66
O MSE A 42 17.85 -15.90 -12.88
CB MSE A 42 16.21 -14.59 -10.53
CG MSE A 42 15.63 -15.68 -9.65
SE MSE A 42 13.72 -15.51 -9.48
CE MSE A 42 13.66 -14.01 -8.27
N GLY A 43 18.39 -17.05 -11.03
CA GLY A 43 18.69 -18.27 -11.77
C GLY A 43 17.55 -18.79 -12.62
N ASP A 44 17.89 -19.44 -13.74
CA ASP A 44 16.89 -19.99 -14.65
C ASP A 44 16.37 -21.35 -14.18
N ALA A 45 17.28 -22.29 -14.00
CA ALA A 45 16.94 -23.64 -13.56
C ALA A 45 16.00 -23.60 -12.35
N PRO A 46 15.40 -24.75 -11.99
CA PRO A 46 14.49 -24.79 -10.84
C PRO A 46 15.15 -24.29 -9.56
N ASP A 47 16.44 -23.97 -9.65
CA ASP A 47 17.19 -23.47 -8.51
C ASP A 47 16.86 -22.00 -8.27
N TYR A 48 16.67 -21.24 -9.35
CA TYR A 48 16.36 -19.83 -9.24
C TYR A 48 17.36 -19.17 -8.30
N ASP A 49 18.64 -19.41 -8.58
CA ASP A 49 19.72 -18.85 -7.76
C ASP A 49 19.63 -17.34 -7.65
N GLN A 50 19.68 -16.84 -6.42
CA GLN A 50 19.60 -15.41 -6.15
C GLN A 50 20.87 -14.94 -5.42
N SER A 51 21.94 -15.72 -5.52
CA SER A 51 23.20 -15.41 -4.85
C SER A 51 23.69 -13.97 -4.99
N GLN A 52 23.53 -13.40 -6.19
CA GLN A 52 23.97 -12.02 -6.42
C GLN A 52 23.32 -11.07 -5.42
N TRP A 53 22.02 -11.25 -5.20
CA TRP A 53 21.25 -10.43 -4.27
C TRP A 53 21.49 -10.84 -2.81
N LEU A 54 21.35 -12.14 -2.54
CA LEU A 54 21.51 -12.64 -1.18
C LEU A 54 22.86 -12.34 -0.56
N ASN A 55 23.91 -12.26 -1.36
CA ASN A 55 25.24 -11.98 -0.82
C ASN A 55 25.44 -10.56 -0.30
N GLU A 56 24.52 -9.65 -0.59
CA GLU A 56 24.67 -8.30 -0.08
C GLU A 56 23.37 -7.74 0.51
N LYS A 57 22.33 -8.55 0.47
CA LYS A 57 21.02 -8.18 0.99
C LYS A 57 21.09 -7.61 2.41
N PHE A 58 21.99 -8.14 3.23
CA PHE A 58 22.12 -7.69 4.61
C PHE A 58 23.32 -6.79 4.87
N LYS A 59 23.97 -6.30 3.81
CA LYS A 59 25.14 -5.44 3.96
C LYS A 59 24.87 -4.02 3.45
N LEU A 60 23.60 -3.66 3.33
CA LEU A 60 23.24 -2.34 2.80
C LEU A 60 22.61 -1.39 3.82
N GLY A 61 22.43 -1.87 5.05
CA GLY A 61 21.84 -1.04 6.09
C GLY A 61 20.34 -0.90 5.97
N LEU A 62 19.70 -1.83 5.27
CA LEU A 62 18.25 -1.80 5.09
C LEU A 62 17.55 -2.38 6.31
N ASP A 63 16.48 -1.71 6.74
CA ASP A 63 15.73 -2.16 7.90
C ASP A 63 14.92 -3.42 7.60
N PHE A 64 14.26 -3.43 6.46
CA PHE A 64 13.47 -4.57 6.01
C PHE A 64 14.03 -4.96 4.63
N PRO A 65 15.21 -5.60 4.61
CA PRO A 65 15.87 -6.03 3.38
C PRO A 65 14.87 -6.57 2.35
N ASN A 66 14.81 -5.89 1.21
CA ASN A 66 13.87 -6.28 0.16
C ASN A 66 14.23 -5.55 -1.13
N LEU A 67 13.59 -5.95 -2.22
CA LEU A 67 13.81 -5.33 -3.52
C LEU A 67 12.46 -4.77 -3.95
N PRO A 68 12.44 -3.53 -4.46
CA PRO A 68 13.58 -2.63 -4.66
C PRO A 68 14.02 -1.86 -3.43
N TYR A 69 15.23 -1.32 -3.52
CA TYR A 69 15.78 -0.48 -2.46
C TYR A 69 16.45 0.71 -3.14
N LEU A 70 16.55 1.80 -2.40
CA LEU A 70 17.23 2.99 -2.91
C LEU A 70 18.20 3.44 -1.83
N ILE A 71 19.45 3.69 -2.24
CA ILE A 71 20.46 4.17 -1.31
C ILE A 71 20.80 5.59 -1.74
N ASP A 72 20.60 6.56 -0.85
CA ASP A 72 20.94 7.96 -1.14
C ASP A 72 21.64 8.50 0.10
N GLY A 73 22.94 8.31 0.14
CA GLY A 73 23.71 8.76 1.29
C GLY A 73 23.37 7.88 2.48
N SER A 74 23.02 8.52 3.59
CA SER A 74 22.67 7.78 4.81
C SER A 74 21.25 7.21 4.74
N HIS A 75 20.49 7.61 3.73
CA HIS A 75 19.13 7.11 3.60
C HIS A 75 19.08 5.78 2.85
N LYS A 76 18.63 4.73 3.55
CA LYS A 76 18.50 3.39 2.98
C LYS A 76 16.99 3.16 2.97
N ILE A 77 16.40 3.03 1.78
CA ILE A 77 14.96 2.89 1.69
C ILE A 77 14.47 1.68 0.92
N THR A 78 13.41 1.05 1.43
CA THR A 78 12.78 -0.07 0.74
C THR A 78 11.31 0.29 0.57
N GLN A 79 10.58 -0.54 -0.18
CA GLN A 79 9.17 -0.34 -0.48
C GLN A 79 9.05 0.71 -1.58
N SER A 80 8.57 0.28 -2.74
CA SER A 80 8.45 1.19 -3.87
C SER A 80 7.72 2.50 -3.60
N ASN A 81 6.61 2.47 -2.85
CA ASN A 81 5.90 3.71 -2.59
C ASN A 81 6.71 4.66 -1.72
N ALA A 82 7.49 4.10 -0.80
CA ALA A 82 8.32 4.91 0.09
C ALA A 82 9.47 5.52 -0.71
N ILE A 83 9.99 4.75 -1.66
CA ILE A 83 11.09 5.26 -2.49
C ILE A 83 10.57 6.40 -3.36
N LEU A 84 9.39 6.22 -3.94
CA LEU A 84 8.81 7.27 -4.78
C LEU A 84 8.47 8.52 -3.98
N ARG A 85 7.98 8.35 -2.74
CA ARG A 85 7.65 9.51 -1.92
C ARG A 85 8.90 10.27 -1.52
N TYR A 86 9.97 9.52 -1.24
CA TYR A 86 11.24 10.14 -0.88
C TYR A 86 11.71 11.03 -2.02
N LEU A 87 11.72 10.47 -3.23
CA LEU A 87 12.13 11.23 -4.41
C LEU A 87 11.12 12.37 -4.64
N GLY A 88 9.85 12.09 -4.40
CA GLY A 88 8.83 13.10 -4.56
C GLY A 88 9.05 14.30 -3.67
N ARG A 89 9.37 14.07 -2.40
CA ARG A 89 9.62 15.18 -1.48
C ARG A 89 10.83 16.00 -1.90
N LYS A 90 11.82 15.34 -2.47
CA LYS A 90 13.02 16.02 -2.92
C LYS A 90 12.74 17.04 -4.03
N HIS A 91 11.71 16.74 -4.83
CA HIS A 91 11.35 17.60 -5.96
C HIS A 91 9.98 18.28 -5.86
N ASN A 92 9.37 18.23 -4.68
CA ASN A 92 8.04 18.82 -4.46
C ASN A 92 7.04 18.25 -5.45
N LEU A 93 7.06 16.92 -5.59
CA LEU A 93 6.15 16.25 -6.52
C LEU A 93 5.22 15.25 -5.83
N CYS A 94 4.73 15.62 -4.65
CA CYS A 94 3.81 14.78 -3.89
C CYS A 94 2.42 15.42 -3.85
N GLY A 95 2.25 16.50 -4.60
CA GLY A 95 1.00 17.23 -4.60
C GLY A 95 1.25 18.48 -3.79
N GLU A 96 0.61 19.59 -4.16
CA GLU A 96 0.82 20.84 -3.42
C GLU A 96 -0.36 21.19 -2.54
N THR A 97 -1.54 21.33 -3.15
CA THR A 97 -2.72 21.67 -2.38
C THR A 97 -3.20 20.43 -1.65
N GLU A 98 -4.01 20.63 -0.61
CA GLU A 98 -4.52 19.52 0.16
C GLU A 98 -5.29 18.59 -0.77
N GLU A 99 -6.05 19.19 -1.69
CA GLU A 99 -6.84 18.42 -2.65
C GLU A 99 -5.93 17.50 -3.49
N GLU A 100 -4.82 18.05 -3.99
CA GLU A 100 -3.88 17.27 -4.79
C GLU A 100 -3.24 16.15 -3.98
N ARG A 101 -2.86 16.45 -2.74
CA ARG A 101 -2.21 15.44 -1.89
C ARG A 101 -3.17 14.28 -1.60
N ILE A 102 -4.44 14.60 -1.40
CA ILE A 102 -5.45 13.57 -1.17
C ILE A 102 -5.57 12.68 -2.40
N ARG A 103 -5.60 13.29 -3.58
CA ARG A 103 -5.71 12.52 -4.82
C ARG A 103 -4.50 11.59 -4.98
N VAL A 104 -3.32 12.11 -4.66
CA VAL A 104 -2.09 11.32 -4.75
C VAL A 104 -2.16 10.13 -3.79
N ASP A 105 -2.55 10.38 -2.54
CA ASP A 105 -2.63 9.31 -1.55
C ASP A 105 -3.68 8.26 -1.89
N ILE A 106 -4.87 8.69 -2.30
CA ILE A 106 -5.91 7.74 -2.65
C ILE A 106 -5.47 6.85 -3.81
N LEU A 107 -4.98 7.48 -4.87
CA LEU A 107 -4.55 6.75 -6.06
C LEU A 107 -3.37 5.82 -5.81
N GLU A 108 -2.40 6.27 -5.02
CA GLU A 108 -1.23 5.46 -4.70
C GLU A 108 -1.68 4.12 -4.13
N ASN A 109 -2.64 4.16 -3.21
CA ASN A 109 -3.15 2.96 -2.56
C ASN A 109 -4.05 2.13 -3.47
N GLN A 110 -4.89 2.79 -4.26
CA GLN A 110 -5.79 2.10 -5.18
C GLN A 110 -4.94 1.34 -6.20
N LEU A 111 -3.88 1.99 -6.67
CA LEU A 111 -2.99 1.37 -7.65
C LEU A 111 -2.27 0.15 -7.10
N MSE A 112 -1.87 0.20 -5.84
CA MSE A 112 -1.15 -0.93 -5.24
C MSE A 112 -2.12 -2.11 -5.13
O MSE A 112 -1.75 -3.25 -5.41
CB MSE A 112 -0.60 -0.57 -3.86
CG MSE A 112 0.18 -1.71 -3.17
SE MSE A 112 1.70 -2.44 -4.17
CE MSE A 112 3.00 -1.06 -3.82
N ASP A 113 -3.37 -1.82 -4.76
CA ASP A 113 -4.37 -2.86 -4.65
C ASP A 113 -4.54 -3.54 -6.00
N ASN A 114 -4.69 -2.75 -7.06
CA ASN A 114 -4.86 -3.32 -8.39
C ASN A 114 -3.60 -3.99 -8.92
N ARG A 115 -2.43 -3.44 -8.59
CA ARG A 115 -1.18 -4.04 -9.04
C ARG A 115 -1.07 -5.46 -8.51
N MSE A 116 -1.41 -5.63 -7.24
CA MSE A 116 -1.34 -6.91 -6.58
C MSE A 116 -2.31 -7.94 -7.15
O MSE A 116 -1.97 -9.13 -7.27
CB MSE A 116 -1.57 -6.74 -5.08
CG MSE A 116 -0.46 -6.00 -4.38
SE MSE A 116 1.20 -7.00 -4.38
CE MSE A 116 2.03 -6.28 -5.96
N VAL A 117 -3.52 -7.50 -7.50
CA VAL A 117 -4.50 -8.43 -8.06
C VAL A 117 -3.94 -9.07 -9.32
N LEU A 118 -3.32 -8.26 -10.18
CA LEU A 118 -2.73 -8.79 -11.40
C LEU A 118 -1.52 -9.65 -11.09
N ALA A 119 -0.68 -9.21 -10.16
CA ALA A 119 0.51 -9.95 -9.77
C ALA A 119 0.17 -11.34 -9.26
N ARG A 120 -0.79 -11.42 -8.34
CA ARG A 120 -1.20 -12.70 -7.78
C ARG A 120 -1.71 -13.64 -8.87
N LEU A 121 -2.42 -13.07 -9.85
CA LEU A 121 -2.95 -13.85 -10.96
C LEU A 121 -1.84 -14.42 -11.82
N CYS A 122 -0.89 -13.58 -12.19
CA CYS A 122 0.22 -13.99 -13.04
C CYS A 122 1.21 -14.93 -12.36
N TYR A 123 1.23 -14.94 -11.03
CA TYR A 123 2.13 -15.82 -10.29
C TYR A 123 1.42 -17.10 -9.90
N ASN A 124 0.12 -17.18 -10.19
CA ASN A 124 -0.68 -18.35 -9.87
C ASN A 124 -0.50 -19.43 -10.95
N ALA A 125 -0.24 -20.66 -10.51
CA ALA A 125 -0.07 -21.77 -11.44
C ALA A 125 -1.31 -22.00 -12.29
N ASP A 126 -2.47 -21.62 -11.75
CA ASP A 126 -3.74 -21.79 -12.46
C ASP A 126 -4.11 -20.53 -13.24
N PHE A 127 -3.09 -19.75 -13.59
CA PHE A 127 -3.26 -18.51 -14.34
C PHE A 127 -4.29 -18.58 -15.48
N GLU A 128 -4.10 -19.51 -16.40
CA GLU A 128 -5.01 -19.65 -17.54
C GLU A 128 -6.49 -19.77 -17.19
N LYS A 129 -6.81 -20.56 -16.17
CA LYS A 129 -8.20 -20.76 -15.78
C LYS A 129 -8.76 -19.61 -14.95
N LEU A 130 -7.87 -18.83 -14.35
CA LEU A 130 -8.29 -17.72 -13.50
C LEU A 130 -8.34 -16.37 -14.20
N LYS A 131 -7.66 -16.25 -15.33
CA LYS A 131 -7.62 -15.00 -16.07
C LYS A 131 -8.97 -14.50 -16.59
N PRO A 132 -9.91 -15.41 -16.93
CA PRO A 132 -11.19 -14.93 -17.42
C PRO A 132 -11.88 -14.03 -16.39
N GLY A 133 -11.72 -14.39 -15.12
CA GLY A 133 -12.32 -13.61 -14.04
C GLY A 133 -11.73 -12.21 -13.96
N TYR A 134 -10.42 -12.10 -14.19
CA TYR A 134 -9.75 -10.81 -14.14
C TYR A 134 -10.18 -9.94 -15.31
N LEU A 135 -10.18 -10.51 -16.52
CA LEU A 135 -10.55 -9.76 -17.70
C LEU A 135 -11.99 -9.26 -17.66
N GLU A 136 -12.85 -10.00 -16.97
CA GLU A 136 -14.26 -9.62 -16.86
C GLU A 136 -14.43 -8.37 -16.00
N GLN A 137 -13.56 -8.22 -15.00
CA GLN A 137 -13.64 -7.07 -14.10
C GLN A 137 -12.73 -5.92 -14.51
N LEU A 138 -11.87 -6.16 -15.50
CA LEU A 138 -10.94 -5.14 -15.97
C LEU A 138 -11.63 -3.87 -16.47
N PRO A 139 -12.69 -3.99 -17.28
CA PRO A 139 -13.34 -2.77 -17.76
C PRO A 139 -13.79 -1.86 -16.61
N GLY A 140 -14.33 -2.45 -15.56
CA GLY A 140 -14.79 -1.67 -14.43
C GLY A 140 -13.63 -1.03 -13.67
N MSE A 141 -12.51 -1.74 -13.61
CA MSE A 141 -11.31 -1.25 -12.94
C MSE A 141 -10.78 -0.03 -13.68
O MSE A 141 -10.47 1.00 -13.08
CB MSE A 141 -10.25 -2.36 -12.94
CG MSE A 141 -8.93 -2.03 -12.24
SE MSE A 141 -7.78 -3.59 -12.21
CE MSE A 141 -9.19 -4.86 -11.92
N MSE A 142 -10.70 -0.14 -15.00
CA MSE A 142 -10.22 0.94 -15.84
C MSE A 142 -11.19 2.11 -15.84
O MSE A 142 -10.78 3.27 -15.85
CB MSE A 142 -9.99 0.44 -17.26
CG MSE A 142 -8.91 -0.63 -17.39
SE MSE A 142 -7.14 -0.08 -16.78
CE MSE A 142 -7.14 -0.92 -15.04
N ARG A 143 -12.49 1.81 -15.84
CA ARG A 143 -13.51 2.85 -15.84
C ARG A 143 -13.32 3.78 -14.64
N LEU A 144 -13.01 3.20 -13.49
CA LEU A 144 -12.80 4.01 -12.28
C LEU A 144 -11.63 4.98 -12.45
N TYR A 145 -10.54 4.52 -13.06
CA TYR A 145 -9.39 5.39 -13.28
C TYR A 145 -9.74 6.48 -14.28
N SER A 146 -10.50 6.13 -15.31
CA SER A 146 -10.89 7.08 -16.33
C SER A 146 -11.77 8.19 -15.73
N GLU A 147 -12.72 7.80 -14.89
CA GLU A 147 -13.60 8.77 -14.27
C GLU A 147 -12.81 9.66 -13.32
N PHE A 148 -11.85 9.07 -12.62
CA PHE A 148 -11.03 9.81 -11.67
C PHE A 148 -10.16 10.84 -12.38
N LEU A 149 -9.52 10.45 -13.48
CA LEU A 149 -8.67 11.36 -14.22
C LEU A 149 -9.49 12.50 -14.82
N GLY A 150 -10.63 12.15 -15.42
CA GLY A 150 -11.46 13.18 -16.01
C GLY A 150 -10.72 13.89 -17.12
N LYS A 151 -10.82 15.22 -17.16
CA LYS A 151 -10.14 16.00 -18.19
C LYS A 151 -8.77 16.50 -17.75
N ARG A 152 -8.31 16.05 -16.59
CA ARG A 152 -7.00 16.48 -16.07
C ARG A 152 -5.86 15.89 -16.90
N PRO A 153 -4.76 16.64 -17.06
CA PRO A 153 -3.64 16.11 -17.83
C PRO A 153 -2.86 15.08 -17.01
N TRP A 154 -2.87 15.27 -15.70
CA TRP A 154 -2.18 14.37 -14.78
C TRP A 154 -3.18 13.99 -13.68
N PHE A 155 -2.92 12.90 -12.98
CA PHE A 155 -3.87 12.44 -11.98
C PHE A 155 -4.18 13.34 -10.80
N ALA A 156 -3.24 14.17 -10.38
CA ALA A 156 -3.50 15.04 -9.24
C ALA A 156 -4.10 16.37 -9.66
N GLY A 157 -4.01 16.66 -10.96
CA GLY A 157 -4.52 17.92 -11.48
C GLY A 157 -3.74 18.39 -12.68
N ASP A 158 -3.39 19.67 -12.70
CA ASP A 158 -2.66 20.23 -13.84
C ASP A 158 -1.16 19.96 -13.84
N LYS A 159 -0.64 19.49 -12.72
CA LYS A 159 0.80 19.22 -12.62
C LYS A 159 1.10 17.76 -12.30
N ILE A 160 2.17 17.25 -12.89
CA ILE A 160 2.58 15.87 -12.67
C ILE A 160 3.10 15.67 -11.24
N THR A 161 2.90 14.46 -10.71
CA THR A 161 3.36 14.10 -9.37
C THR A 161 3.92 12.69 -9.46
N PHE A 162 4.47 12.18 -8.37
CA PHE A 162 5.04 10.84 -8.44
C PHE A 162 3.98 9.77 -8.74
N VAL A 163 2.73 10.03 -8.39
CA VAL A 163 1.69 9.02 -8.60
C VAL A 163 1.41 8.73 -10.08
N ASP A 164 1.73 9.68 -10.96
CA ASP A 164 1.52 9.48 -12.39
C ASP A 164 2.45 8.38 -12.89
N PHE A 165 3.59 8.23 -12.24
CA PHE A 165 4.55 7.22 -12.63
C PHE A 165 4.05 5.83 -12.25
N ILE A 166 3.37 5.76 -11.10
CA ILE A 166 2.80 4.49 -10.65
C ILE A 166 1.61 4.18 -11.57
N ALA A 167 0.82 5.21 -11.87
CA ALA A 167 -0.35 5.07 -12.72
C ALA A 167 0.04 4.58 -14.11
N TYR A 168 1.09 5.18 -14.67
CA TYR A 168 1.54 4.78 -15.99
C TYR A 168 1.93 3.30 -15.99
N ASP A 169 2.67 2.89 -14.96
CA ASP A 169 3.11 1.51 -14.87
C ASP A 169 1.95 0.52 -14.84
N VAL A 170 0.96 0.81 -13.99
CA VAL A 170 -0.21 -0.04 -13.86
C VAL A 170 -1.09 -0.07 -15.11
N LEU A 171 -1.39 1.10 -15.66
CA LEU A 171 -2.23 1.17 -16.85
C LEU A 171 -1.55 0.58 -18.07
N GLU A 172 -0.28 0.91 -18.25
CA GLU A 172 0.46 0.42 -19.40
C GLU A 172 0.64 -1.10 -19.33
N ARG A 173 0.87 -1.62 -18.12
CA ARG A 173 1.04 -3.06 -17.93
C ARG A 173 -0.25 -3.80 -18.26
N ASN A 174 -1.38 -3.20 -17.89
CA ASN A 174 -2.66 -3.81 -18.19
C ASN A 174 -2.93 -3.82 -19.69
N GLN A 175 -2.44 -2.79 -20.37
CA GLN A 175 -2.62 -2.69 -21.82
C GLN A 175 -1.77 -3.76 -22.51
N VAL A 176 -0.67 -4.14 -21.86
CA VAL A 176 0.19 -5.18 -22.42
C VAL A 176 -0.50 -6.52 -22.19
N PHE A 177 -1.17 -6.64 -21.05
CA PHE A 177 -1.88 -7.86 -20.67
C PHE A 177 -3.10 -8.02 -21.57
N GLU A 178 -3.78 -6.91 -21.83
CA GLU A 178 -4.97 -6.89 -22.69
C GLU A 178 -4.92 -5.62 -23.53
N ALA A 179 -4.43 -5.77 -24.75
CA ALA A 179 -4.27 -4.67 -25.69
C ALA A 179 -5.43 -3.69 -25.86
N LYS A 180 -6.66 -4.17 -25.73
CA LYS A 180 -7.83 -3.31 -25.92
C LYS A 180 -8.50 -2.78 -24.64
N CYS A 181 -7.92 -3.01 -23.48
CA CYS A 181 -8.54 -2.57 -22.24
C CYS A 181 -8.70 -1.06 -22.02
N LEU A 182 -7.98 -0.25 -22.79
CA LEU A 182 -8.08 1.19 -22.64
C LEU A 182 -8.83 1.88 -23.78
N ASP A 183 -9.19 1.13 -24.81
CA ASP A 183 -9.89 1.72 -25.95
C ASP A 183 -11.21 2.41 -25.63
N ALA A 184 -11.92 1.93 -24.61
CA ALA A 184 -13.20 2.53 -24.23
C ALA A 184 -12.97 3.75 -23.33
N PHE A 185 -11.72 4.01 -22.99
CA PHE A 185 -11.38 5.12 -22.11
C PHE A 185 -10.28 5.99 -22.73
N PRO A 186 -10.66 6.82 -23.72
CA PRO A 186 -9.75 7.73 -24.42
C PRO A 186 -8.82 8.56 -23.54
N ASN A 187 -9.31 9.08 -22.43
CA ASN A 187 -8.44 9.89 -21.58
C ASN A 187 -7.28 9.10 -21.00
N LEU A 188 -7.48 7.80 -20.77
CA LEU A 188 -6.40 6.97 -20.26
C LEU A 188 -5.39 6.71 -21.37
N LYS A 189 -5.90 6.58 -22.60
CA LYS A 189 -5.01 6.36 -23.75
C LYS A 189 -4.18 7.62 -23.94
N ASP A 190 -4.81 8.79 -23.82
CA ASP A 190 -4.10 10.05 -23.98
C ASP A 190 -3.05 10.21 -22.87
N PHE A 191 -3.39 9.75 -21.67
CA PHE A 191 -2.47 9.84 -20.53
C PHE A 191 -1.21 9.03 -20.80
N ILE A 192 -1.38 7.80 -21.29
CA ILE A 192 -0.24 6.93 -21.57
C ILE A 192 0.69 7.60 -22.59
N ALA A 193 0.09 8.19 -23.63
CA ALA A 193 0.88 8.84 -24.67
C ALA A 193 1.57 10.10 -24.16
N ARG A 194 0.85 10.86 -23.35
CA ARG A 194 1.36 12.09 -22.75
C ARG A 194 2.57 11.77 -21.88
N PHE A 195 2.47 10.68 -21.13
CA PHE A 195 3.56 10.27 -20.26
C PHE A 195 4.80 9.87 -21.07
N GLU A 196 4.58 9.04 -22.08
CA GLU A 196 5.69 8.58 -22.92
C GLU A 196 6.25 9.72 -23.76
N GLY A 197 5.47 10.79 -23.89
CA GLY A 197 5.88 11.94 -24.67
C GLY A 197 6.75 12.94 -23.92
N LEU A 198 6.82 12.82 -22.59
CA LEU A 198 7.65 13.71 -21.79
C LEU A 198 9.08 13.56 -22.30
N LYS A 199 9.75 14.69 -22.54
CA LYS A 199 11.11 14.67 -23.08
C LYS A 199 12.06 13.63 -22.46
N LYS A 200 12.21 13.67 -21.14
CA LYS A 200 13.10 12.73 -20.46
C LYS A 200 12.69 11.28 -20.64
N ILE A 201 11.39 11.03 -20.64
CA ILE A 201 10.88 9.67 -20.79
C ILE A 201 11.03 9.18 -22.23
N SER A 202 10.69 10.05 -23.18
CA SER A 202 10.80 9.72 -24.59
C SER A 202 12.25 9.37 -24.93
N ASP A 203 13.18 10.17 -24.43
CA ASP A 203 14.60 9.91 -24.70
C ASP A 203 15.03 8.59 -24.06
N TYR A 204 14.65 8.41 -22.80
CA TYR A 204 14.99 7.20 -22.06
C TYR A 204 14.50 5.93 -22.74
N MSE A 205 13.27 5.96 -23.24
CA MSE A 205 12.72 4.78 -23.90
C MSE A 205 13.44 4.36 -25.17
O MSE A 205 13.27 3.25 -25.64
CB MSE A 205 11.23 4.98 -24.16
CG MSE A 205 10.42 4.90 -22.89
SE MSE A 205 8.56 5.25 -23.12
CE MSE A 205 8.05 3.57 -23.94
N LYS A 206 14.27 5.26 -25.71
CA LYS A 206 15.03 4.93 -26.90
C LYS A 206 16.42 4.41 -26.54
N THR A 207 16.70 4.27 -25.25
CA THR A 207 18.01 3.77 -24.81
C THR A 207 17.95 2.31 -24.34
N SER A 208 19.10 1.67 -24.30
CA SER A 208 19.19 0.28 -23.87
C SER A 208 18.90 0.10 -22.39
N ARG A 209 18.85 1.19 -21.64
CA ARG A 209 18.58 1.11 -20.20
C ARG A 209 17.09 0.92 -19.91
N PHE A 210 16.25 1.27 -20.87
CA PHE A 210 14.80 1.11 -20.72
C PHE A 210 14.54 -0.39 -20.62
N LEU A 211 13.84 -0.81 -19.57
CA LEU A 211 13.54 -2.22 -19.35
C LEU A 211 12.05 -2.49 -19.12
N PRO A 212 11.26 -2.49 -20.21
CA PRO A 212 9.82 -2.73 -20.11
C PRO A 212 9.44 -4.20 -19.87
N ARG A 213 10.37 -5.10 -20.18
CA ARG A 213 10.15 -6.54 -20.01
C ARG A 213 11.43 -7.21 -19.51
N PRO A 214 11.30 -8.36 -18.82
CA PRO A 214 10.07 -9.07 -18.47
C PRO A 214 9.26 -8.34 -17.40
N MSE A 215 7.97 -8.64 -17.35
CA MSE A 215 7.07 -8.03 -16.37
C MSE A 215 7.34 -8.51 -14.95
O MSE A 215 7.47 -7.70 -14.03
CB MSE A 215 5.62 -8.31 -16.73
CG MSE A 215 4.63 -7.87 -15.68
SE MSE A 215 3.00 -7.25 -16.47
CE MSE A 215 1.72 -8.53 -15.79
N PHE A 216 7.39 -9.82 -14.78
CA PHE A 216 7.62 -10.42 -13.47
C PHE A 216 8.87 -11.30 -13.46
N THR A 217 9.14 -11.93 -12.31
CA THR A 217 10.31 -12.80 -12.19
C THR A 217 10.06 -14.12 -12.92
N LYS A 218 11.11 -14.93 -13.03
CA LYS A 218 11.03 -16.22 -13.72
C LYS A 218 10.08 -17.19 -13.01
N MSE A 219 9.63 -16.82 -11.82
CA MSE A 219 8.72 -17.67 -11.05
C MSE A 219 7.26 -17.48 -11.47
O MSE A 219 6.39 -18.25 -11.08
CB MSE A 219 8.86 -17.38 -9.56
CG MSE A 219 10.23 -17.63 -8.99
SE MSE A 219 10.29 -17.46 -7.08
CE MSE A 219 9.84 -19.28 -6.60
N ALA A 220 7.00 -16.45 -12.27
CA ALA A 220 5.65 -16.18 -12.73
C ALA A 220 5.23 -17.09 -13.87
N THR A 221 3.93 -17.34 -13.98
CA THR A 221 3.39 -18.17 -15.05
C THR A 221 3.21 -17.31 -16.30
N TRP A 222 2.85 -16.05 -16.10
CA TRP A 222 2.67 -15.11 -17.21
C TRP A 222 3.56 -13.90 -16.97
N GLY A 223 4.17 -13.42 -18.04
CA GLY A 223 5.04 -12.25 -17.94
C GLY A 223 6.43 -12.51 -17.40
N SER A 224 6.91 -13.75 -17.50
CA SER A 224 8.24 -14.07 -17.00
C SER A 224 9.25 -14.07 -18.15
N ASN A 225 8.76 -14.29 -19.35
CA ASN A 225 9.60 -14.32 -20.55
C ASN A 225 10.69 -15.39 -20.46
N MSE B 8 -18.54 21.20 12.04
CA MSE B 8 -19.19 20.03 11.38
C MSE B 8 -18.40 18.75 11.59
O MSE B 8 -17.25 18.64 11.14
CB MSE B 8 -19.35 20.30 9.88
CG MSE B 8 -20.32 21.41 9.55
SE MSE B 8 -22.08 21.06 10.24
CE MSE B 8 -22.79 20.06 8.74
N PRO B 9 -18.97 17.77 12.29
CA PRO B 9 -18.27 16.50 12.53
C PRO B 9 -18.00 15.75 11.23
N MSE B 10 -16.83 15.15 11.14
CA MSE B 10 -16.48 14.36 9.96
C MSE B 10 -17.25 13.05 10.06
O MSE B 10 -17.79 12.72 11.11
CB MSE B 10 -14.98 14.03 9.96
CG MSE B 10 -14.08 15.23 9.96
SE MSE B 10 -12.24 14.64 10.03
CE MSE B 10 -12.11 14.30 11.92
N THR B 11 -17.31 12.32 8.95
CA THR B 11 -18.00 11.03 8.96
C THR B 11 -17.05 9.92 8.53
N LEU B 12 -16.94 8.89 9.38
CA LEU B 12 -16.12 7.73 9.05
C LEU B 12 -17.09 6.60 8.74
N GLY B 13 -17.00 6.05 7.54
CA GLY B 13 -17.88 4.97 7.14
C GLY B 13 -17.12 3.67 7.01
N TYR B 14 -17.66 2.60 7.59
CA TYR B 14 -17.03 1.29 7.52
C TYR B 14 -18.00 0.24 8.03
N TRP B 15 -17.64 -1.04 7.89
CA TRP B 15 -18.48 -2.12 8.38
C TRP B 15 -18.50 -2.05 9.90
N ASP B 16 -19.46 -2.71 10.52
CA ASP B 16 -19.58 -2.72 11.97
C ASP B 16 -18.66 -3.77 12.60
N ILE B 17 -17.40 -3.73 12.19
CA ILE B 17 -16.38 -4.65 12.69
C ILE B 17 -15.08 -3.84 12.82
N ARG B 18 -14.06 -4.45 13.42
CA ARG B 18 -12.78 -3.79 13.57
C ARG B 18 -12.17 -3.68 12.17
N GLY B 19 -12.04 -4.82 11.50
CA GLY B 19 -11.53 -4.86 10.16
C GLY B 19 -10.37 -3.94 9.83
N LEU B 20 -10.55 -3.10 8.82
CA LEU B 20 -9.53 -2.19 8.35
C LEU B 20 -9.60 -0.78 8.91
N ALA B 21 -10.56 -0.50 9.79
CA ALA B 21 -10.74 0.85 10.33
C ALA B 21 -10.26 1.06 11.76
N HIS B 22 -9.58 0.09 12.35
CA HIS B 22 -9.12 0.21 13.74
C HIS B 22 -8.14 1.35 13.96
N ALA B 23 -7.11 1.44 13.12
CA ALA B 23 -6.12 2.51 13.26
C ALA B 23 -6.76 3.88 13.10
N ILE B 24 -7.68 3.99 12.15
CA ILE B 24 -8.38 5.26 11.91
C ILE B 24 -9.21 5.69 13.12
N ARG B 25 -10.00 4.78 13.66
CA ARG B 25 -10.82 5.10 14.82
C ARG B 25 -9.94 5.55 15.99
N LEU B 26 -8.85 4.82 16.24
CA LEU B 26 -7.94 5.16 17.33
C LEU B 26 -7.25 6.51 17.08
N PHE B 27 -6.91 6.80 15.83
CA PHE B 27 -6.23 8.05 15.50
C PHE B 27 -7.20 9.23 15.61
N LEU B 28 -8.44 9.01 15.25
CA LEU B 28 -9.45 10.05 15.36
C LEU B 28 -9.60 10.43 16.83
N GLU B 29 -9.54 9.42 17.71
CA GLU B 29 -9.65 9.66 19.14
C GLU B 29 -8.43 10.38 19.68
N TYR B 30 -7.24 9.91 19.31
CA TYR B 30 -6.00 10.51 19.78
C TYR B 30 -5.89 11.99 19.39
N THR B 31 -6.32 12.31 18.18
CA THR B 31 -6.25 13.69 17.68
C THR B 31 -7.41 14.56 18.14
N ASP B 32 -8.27 14.01 18.99
CA ASP B 32 -9.44 14.72 19.50
C ASP B 32 -10.26 15.28 18.35
N SER B 33 -10.46 14.45 17.33
CA SER B 33 -11.23 14.85 16.15
C SER B 33 -12.73 14.80 16.42
N SER B 34 -13.45 15.72 15.78
CA SER B 34 -14.90 15.75 15.89
C SER B 34 -15.40 14.86 14.77
N TYR B 35 -16.03 13.74 15.12
CA TYR B 35 -16.51 12.83 14.11
C TYR B 35 -17.64 11.93 14.60
N GLU B 36 -18.35 11.36 13.64
CA GLU B 36 -19.41 10.40 13.90
C GLU B 36 -19.13 9.29 12.90
N GLU B 37 -19.80 8.16 13.06
CA GLU B 37 -19.58 7.04 12.17
C GLU B 37 -20.82 6.45 11.55
N LYS B 38 -20.58 5.71 10.47
CA LYS B 38 -21.60 4.95 9.78
C LYS B 38 -21.02 3.54 9.89
N ARG B 39 -21.71 2.65 10.58
CA ARG B 39 -21.26 1.28 10.74
C ARG B 39 -22.25 0.35 10.07
N TYR B 40 -21.97 0.04 8.81
CA TYR B 40 -22.83 -0.82 8.00
C TYR B 40 -22.82 -2.26 8.50
N THR B 41 -23.98 -2.91 8.39
CA THR B 41 -24.12 -4.30 8.81
C THR B 41 -24.25 -5.20 7.60
N MSE B 42 -23.48 -6.28 7.60
CA MSE B 42 -23.54 -7.25 6.51
C MSE B 42 -24.48 -8.37 6.91
O MSE B 42 -24.53 -8.75 8.07
CB MSE B 42 -22.14 -7.81 6.23
CG MSE B 42 -22.09 -8.76 5.05
SE MSE B 42 -20.31 -9.46 4.76
CE MSE B 42 -19.48 -7.83 4.12
N GLY B 43 -25.23 -8.89 5.94
CA GLY B 43 -26.15 -9.97 6.23
C GLY B 43 -25.40 -11.27 6.48
N ASP B 44 -26.08 -12.25 7.08
CA ASP B 44 -25.46 -13.54 7.36
C ASP B 44 -25.36 -14.38 6.10
N ALA B 45 -24.60 -15.47 6.18
CA ALA B 45 -24.44 -16.36 5.04
C ALA B 45 -25.78 -17.05 4.75
N PRO B 46 -25.96 -17.56 3.53
CA PRO B 46 -25.01 -17.55 2.41
C PRO B 46 -25.09 -16.28 1.57
N ASP B 47 -26.15 -15.51 1.76
CA ASP B 47 -26.35 -14.27 1.01
C ASP B 47 -25.31 -13.20 1.26
N TYR B 48 -24.99 -12.93 2.52
CA TYR B 48 -24.01 -11.89 2.85
C TYR B 48 -24.48 -10.57 2.25
N ASP B 49 -25.72 -10.21 2.54
CA ASP B 49 -26.34 -8.98 2.03
C ASP B 49 -25.55 -7.73 2.38
N GLN B 50 -25.17 -6.98 1.36
CA GLN B 50 -24.41 -5.74 1.54
C GLN B 50 -25.24 -4.53 1.09
N SER B 51 -26.55 -4.71 0.97
CA SER B 51 -27.44 -3.63 0.54
C SER B 51 -27.32 -2.34 1.34
N GLN B 52 -27.09 -2.46 2.64
CA GLN B 52 -26.94 -1.27 3.49
C GLN B 52 -25.87 -0.35 2.92
N TRP B 53 -24.78 -0.97 2.46
CA TRP B 53 -23.66 -0.25 1.89
C TRP B 53 -23.90 0.08 0.42
N LEU B 54 -24.31 -0.93 -0.35
CA LEU B 54 -24.54 -0.78 -1.77
C LEU B 54 -25.56 0.29 -2.16
N ASN B 55 -26.53 0.56 -1.30
CA ASN B 55 -27.55 1.57 -1.60
C ASN B 55 -27.09 2.99 -1.29
N GLU B 56 -25.81 3.14 -0.95
CA GLU B 56 -25.26 4.45 -0.62
C GLU B 56 -23.85 4.60 -1.20
N LYS B 57 -23.24 3.47 -1.53
CA LYS B 57 -21.89 3.41 -2.08
C LYS B 57 -21.57 4.39 -3.20
N PHE B 58 -22.53 4.61 -4.10
CA PHE B 58 -22.31 5.50 -5.23
C PHE B 58 -22.95 6.88 -5.09
N LYS B 59 -23.44 7.19 -3.89
CA LYS B 59 -24.10 8.47 -3.65
C LYS B 59 -23.37 9.34 -2.62
N LEU B 60 -22.09 9.05 -2.40
CA LEU B 60 -21.31 9.81 -1.42
C LEU B 60 -20.24 10.70 -2.04
N GLY B 61 -20.13 10.67 -3.36
CA GLY B 61 -19.13 11.49 -4.03
C GLY B 61 -17.73 10.93 -3.98
N LEU B 62 -17.61 9.65 -3.64
CA LEU B 62 -16.30 9.01 -3.55
C LEU B 62 -15.79 8.66 -4.95
N ASP B 63 -14.49 8.84 -5.16
CA ASP B 63 -13.91 8.54 -6.48
C ASP B 63 -13.83 7.04 -6.74
N PHE B 64 -13.30 6.30 -5.76
CA PHE B 64 -13.18 4.86 -5.84
C PHE B 64 -13.97 4.32 -4.65
N PRO B 65 -15.32 4.32 -4.74
CA PRO B 65 -16.19 3.84 -3.67
C PRO B 65 -15.63 2.62 -2.97
N ASN B 66 -15.47 2.71 -1.65
CA ASN B 66 -14.89 1.61 -0.88
C ASN B 66 -15.07 1.91 0.60
N LEU B 67 -14.81 0.91 1.43
CA LEU B 67 -14.88 1.05 2.87
C LEU B 67 -13.50 0.67 3.38
N PRO B 68 -12.94 1.47 4.31
CA PRO B 68 -13.53 2.67 4.91
C PRO B 68 -13.44 3.94 4.06
N TYR B 69 -14.24 4.92 4.42
CA TYR B 69 -14.20 6.22 3.76
C TYR B 69 -14.31 7.28 4.83
N LEU B 70 -13.80 8.47 4.55
CA LEU B 70 -13.88 9.58 5.46
C LEU B 70 -14.41 10.79 4.71
N ILE B 71 -15.43 11.42 5.27
CA ILE B 71 -16.02 12.60 4.68
C ILE B 71 -15.69 13.77 5.61
N ASP B 72 -15.01 14.78 5.09
CA ASP B 72 -14.70 15.96 5.88
C ASP B 72 -14.90 17.17 4.99
N GLY B 73 -16.14 17.66 4.95
CA GLY B 73 -16.45 18.78 4.11
C GLY B 73 -16.39 18.34 2.67
N SER B 74 -15.69 19.10 1.83
CA SER B 74 -15.57 18.78 0.42
C SER B 74 -14.60 17.62 0.17
N HIS B 75 -13.89 17.20 1.21
CA HIS B 75 -12.92 16.11 1.08
C HIS B 75 -13.57 14.74 1.33
N LYS B 76 -13.64 13.93 0.26
CA LYS B 76 -14.20 12.58 0.32
C LYS B 76 -13.00 11.66 0.07
N ILE B 77 -12.65 10.87 1.07
CA ILE B 77 -11.48 10.00 1.00
C ILE B 77 -11.72 8.52 1.25
N THR B 78 -11.05 7.69 0.44
CA THR B 78 -11.11 6.24 0.63
C THR B 78 -9.67 5.79 0.79
N GLN B 79 -9.47 4.51 1.12
CA GLN B 79 -8.16 3.91 1.36
C GLN B 79 -7.66 4.30 2.75
N SER B 80 -7.55 3.32 3.64
CA SER B 80 -7.14 3.58 5.01
C SER B 80 -5.86 4.41 5.14
N ASN B 81 -4.84 4.11 4.34
CA ASN B 81 -3.60 4.89 4.44
C ASN B 81 -3.80 6.36 4.06
N ALA B 82 -4.66 6.61 3.07
CA ALA B 82 -4.92 7.97 2.64
C ALA B 82 -5.70 8.72 3.70
N ILE B 83 -6.62 8.03 4.35
CA ILE B 83 -7.41 8.64 5.41
C ILE B 83 -6.47 9.01 6.55
N LEU B 84 -5.60 8.09 6.92
CA LEU B 84 -4.66 8.34 8.01
C LEU B 84 -3.69 9.49 7.67
N ARG B 85 -3.22 9.54 6.42
CA ARG B 85 -2.30 10.62 6.03
C ARG B 85 -2.99 11.97 6.04
N TYR B 86 -4.26 11.99 5.65
CA TYR B 86 -5.04 13.22 5.64
C TYR B 86 -5.11 13.75 7.07
N LEU B 87 -5.49 12.88 8.00
CA LEU B 87 -5.58 13.26 9.40
C LEU B 87 -4.18 13.61 9.93
N GLY B 88 -3.18 12.87 9.46
CA GLY B 88 -1.82 13.13 9.89
C GLY B 88 -1.35 14.53 9.51
N ARG B 89 -1.63 14.95 8.28
CA ARG B 89 -1.21 16.28 7.85
C ARG B 89 -1.90 17.37 8.64
N LYS B 90 -3.16 17.15 9.00
CA LYS B 90 -3.93 18.11 9.76
C LYS B 90 -3.32 18.36 11.13
N HIS B 91 -2.56 17.39 11.63
CA HIS B 91 -1.96 17.49 12.95
C HIS B 91 -0.43 17.39 12.98
N ASN B 92 0.19 17.43 11.80
CA ASN B 92 1.65 17.33 11.67
C ASN B 92 2.15 16.05 12.35
N LEU B 93 1.51 14.93 11.99
CA LEU B 93 1.87 13.63 12.54
C LEU B 93 2.24 12.61 11.47
N CYS B 94 2.94 13.05 10.43
CA CYS B 94 3.38 12.18 9.35
C CYS B 94 4.89 12.02 9.40
N GLY B 95 5.48 12.54 10.48
CA GLY B 95 6.93 12.53 10.63
C GLY B 95 7.39 13.93 10.24
N GLU B 96 8.49 14.40 10.82
CA GLU B 96 8.98 15.74 10.49
C GLU B 96 10.30 15.74 9.74
N THR B 97 11.33 15.15 10.34
CA THR B 97 12.62 15.10 9.68
C THR B 97 12.52 14.13 8.52
N GLU B 98 13.47 14.22 7.58
CA GLU B 98 13.45 13.33 6.43
C GLU B 98 13.57 11.90 6.95
N GLU B 99 14.40 11.71 7.97
CA GLU B 99 14.61 10.40 8.58
C GLU B 99 13.29 9.82 9.10
N GLU B 100 12.50 10.65 9.79
CA GLU B 100 11.23 10.19 10.34
C GLU B 100 10.20 9.88 9.25
N ARG B 101 10.11 10.75 8.25
CA ARG B 101 9.16 10.53 7.16
C ARG B 101 9.49 9.24 6.42
N ILE B 102 10.77 8.96 6.24
CA ILE B 102 11.18 7.72 5.57
C ILE B 102 10.73 6.51 6.39
N ARG B 103 10.92 6.57 7.71
CA ARG B 103 10.52 5.47 8.58
C ARG B 103 8.99 5.25 8.50
N VAL B 104 8.24 6.34 8.53
CA VAL B 104 6.80 6.26 8.44
C VAL B 104 6.40 5.62 7.11
N ASP B 105 6.98 6.08 6.01
CA ASP B 105 6.65 5.54 4.69
C ASP B 105 7.00 4.08 4.53
N ILE B 106 8.21 3.70 4.95
CA ILE B 106 8.62 2.31 4.83
C ILE B 106 7.70 1.41 5.64
N LEU B 107 7.46 1.77 6.89
CA LEU B 107 6.61 0.96 7.75
C LEU B 107 5.15 0.90 7.31
N GLU B 108 4.64 2.01 6.79
CA GLU B 108 3.26 2.07 6.32
C GLU B 108 3.07 0.97 5.29
N ASN B 109 4.01 0.87 4.36
CA ASN B 109 3.93 -0.12 3.30
C ASN B 109 4.22 -1.53 3.75
N GLN B 110 5.17 -1.68 4.68
CA GLN B 110 5.50 -3.00 5.21
C GLN B 110 4.28 -3.56 5.93
N LEU B 111 3.62 -2.72 6.73
CA LEU B 111 2.44 -3.13 7.48
C LEU B 111 1.28 -3.47 6.56
N MSE B 112 1.13 -2.74 5.46
CA MSE B 112 0.03 -3.05 4.54
C MSE B 112 0.27 -4.42 3.92
O MSE B 112 -0.66 -5.21 3.77
CB MSE B 112 -0.07 -1.99 3.43
CG MSE B 112 -1.19 -2.26 2.43
SE MSE B 112 -2.98 -2.40 3.20
CE MSE B 112 -3.48 -0.52 3.15
N ASP B 113 1.52 -4.71 3.57
CA ASP B 113 1.84 -6.01 2.99
C ASP B 113 1.46 -7.11 3.97
N ASN B 114 1.81 -6.90 5.24
CA ASN B 114 1.50 -7.86 6.31
C ASN B 114 0.00 -8.05 6.44
N ARG B 115 -0.74 -6.94 6.46
CA ARG B 115 -2.19 -6.98 6.60
C ARG B 115 -2.86 -7.75 5.47
N MSE B 116 -2.42 -7.51 4.24
CA MSE B 116 -2.98 -8.19 3.07
C MSE B 116 -2.77 -9.69 3.14
O MSE B 116 -3.66 -10.47 2.81
CB MSE B 116 -2.39 -7.61 1.79
CG MSE B 116 -2.77 -6.17 1.53
SE MSE B 116 -4.69 -5.93 1.34
CE MSE B 116 -5.15 -5.60 3.19
N VAL B 117 -1.58 -10.10 3.56
CA VAL B 117 -1.25 -11.52 3.66
C VAL B 117 -2.19 -12.23 4.65
N LEU B 118 -2.33 -11.68 5.85
CA LEU B 118 -3.19 -12.30 6.85
C LEU B 118 -4.64 -12.28 6.41
N ALA B 119 -5.06 -11.17 5.79
CA ALA B 119 -6.43 -11.04 5.32
C ALA B 119 -6.75 -12.12 4.29
N ARG B 120 -5.85 -12.31 3.33
CA ARG B 120 -6.05 -13.33 2.29
C ARG B 120 -6.20 -14.71 2.90
N LEU B 121 -5.45 -14.97 3.96
CA LEU B 121 -5.51 -16.27 4.64
C LEU B 121 -6.84 -16.47 5.35
N CYS B 122 -7.22 -15.50 6.19
CA CYS B 122 -8.45 -15.59 6.95
C CYS B 122 -9.72 -15.56 6.12
N TYR B 123 -9.65 -15.05 4.90
CA TYR B 123 -10.81 -15.02 4.01
C TYR B 123 -10.83 -16.21 3.07
N ASN B 124 -9.84 -17.09 3.20
CA ASN B 124 -9.76 -18.27 2.34
C ASN B 124 -10.47 -19.47 2.95
N ALA B 125 -11.26 -20.16 2.12
CA ALA B 125 -12.00 -21.33 2.58
C ALA B 125 -11.06 -22.41 3.08
N ASP B 126 -9.86 -22.48 2.50
CA ASP B 126 -8.87 -23.48 2.89
C ASP B 126 -7.97 -22.96 4.02
N PHE B 127 -8.52 -22.09 4.84
CA PHE B 127 -7.79 -21.50 5.97
C PHE B 127 -6.96 -22.51 6.76
N GLU B 128 -7.62 -23.56 7.26
CA GLU B 128 -6.95 -24.59 8.05
C GLU B 128 -5.69 -25.16 7.41
N LYS B 129 -5.77 -25.51 6.13
CA LYS B 129 -4.63 -26.07 5.43
C LYS B 129 -3.56 -25.03 5.10
N LEU B 130 -3.97 -23.77 5.00
CA LEU B 130 -3.05 -22.69 4.66
C LEU B 130 -2.42 -21.97 5.86
N LYS B 131 -2.99 -22.13 7.05
CA LYS B 131 -2.48 -21.47 8.24
C LYS B 131 -1.01 -21.74 8.55
N PRO B 132 -0.58 -23.01 8.44
CA PRO B 132 0.84 -23.31 8.74
C PRO B 132 1.81 -22.44 7.93
N GLY B 133 1.45 -22.17 6.67
CA GLY B 133 2.30 -21.36 5.81
C GLY B 133 2.50 -19.95 6.33
N TYR B 134 1.45 -19.39 6.92
CA TYR B 134 1.55 -18.03 7.46
C TYR B 134 2.41 -18.05 8.72
N LEU B 135 2.20 -19.06 9.57
CA LEU B 135 2.96 -19.16 10.80
C LEU B 135 4.47 -19.32 10.53
N GLU B 136 4.80 -19.90 9.38
CA GLU B 136 6.20 -20.08 9.03
C GLU B 136 6.89 -18.72 8.89
N GLN B 137 6.15 -17.74 8.38
CA GLN B 137 6.70 -16.41 8.15
C GLN B 137 6.52 -15.43 9.32
N LEU B 138 5.61 -15.75 10.23
CA LEU B 138 5.31 -14.86 11.35
C LEU B 138 6.49 -14.46 12.24
N PRO B 139 7.30 -15.43 12.70
CA PRO B 139 8.44 -15.09 13.56
C PRO B 139 9.37 -14.03 12.95
N GLY B 140 9.67 -14.19 11.66
CA GLY B 140 10.53 -13.24 10.97
C GLY B 140 9.90 -11.88 10.86
N MSE B 141 8.61 -11.86 10.57
CA MSE B 141 7.87 -10.59 10.45
C MSE B 141 7.93 -9.83 11.77
O MSE B 141 8.25 -8.64 11.79
CB MSE B 141 6.42 -10.87 10.08
CG MSE B 141 6.21 -11.59 8.76
SE MSE B 141 4.32 -11.79 8.41
CE MSE B 141 4.11 -13.69 8.58
N MSE B 142 7.62 -10.51 12.86
CA MSE B 142 7.63 -9.86 14.16
C MSE B 142 9.03 -9.41 14.57
O MSE B 142 9.20 -8.32 15.11
CB MSE B 142 7.04 -10.79 15.24
CG MSE B 142 5.57 -11.16 15.00
SE MSE B 142 4.37 -9.63 14.93
CE MSE B 142 4.21 -9.46 13.02
N ARG B 143 10.03 -10.24 14.31
CA ARG B 143 11.40 -9.88 14.65
C ARG B 143 11.81 -8.59 13.93
N LEU B 144 11.48 -8.49 12.65
CA LEU B 144 11.83 -7.30 11.88
C LEU B 144 11.18 -6.05 12.46
N TYR B 145 9.94 -6.15 12.93
CA TYR B 145 9.29 -4.98 13.52
C TYR B 145 10.02 -4.63 14.82
N SER B 146 10.34 -5.66 15.61
CA SER B 146 11.05 -5.44 16.87
C SER B 146 12.40 -4.76 16.64
N GLU B 147 13.15 -5.24 15.65
CA GLU B 147 14.45 -4.65 15.36
C GLU B 147 14.32 -3.21 14.89
N PHE B 148 13.28 -2.94 14.11
CA PHE B 148 13.04 -1.61 13.57
C PHE B 148 12.74 -0.63 14.70
N LEU B 149 11.87 -1.03 15.63
CA LEU B 149 11.53 -0.16 16.74
C LEU B 149 12.77 0.08 17.60
N GLY B 150 13.53 -0.98 17.87
CA GLY B 150 14.71 -0.83 18.69
C GLY B 150 14.35 -0.27 20.05
N LYS B 151 15.12 0.70 20.53
CA LYS B 151 14.87 1.30 21.84
C LYS B 151 13.99 2.54 21.75
N ARG B 152 13.48 2.84 20.56
CA ARG B 152 12.63 4.01 20.36
C ARG B 152 11.26 3.85 21.01
N PRO B 153 10.67 4.96 21.48
CA PRO B 153 9.35 4.86 22.11
C PRO B 153 8.26 4.68 21.05
N TRP B 154 8.51 5.24 19.87
CA TRP B 154 7.56 5.14 18.76
C TRP B 154 8.31 4.72 17.51
N PHE B 155 7.60 4.18 16.53
CA PHE B 155 8.25 3.70 15.33
C PHE B 155 9.04 4.69 14.47
N ALA B 156 8.65 5.97 14.48
CA ALA B 156 9.38 6.94 13.66
C ALA B 156 10.52 7.60 14.42
N GLY B 157 10.53 7.41 15.73
CA GLY B 157 11.56 8.02 16.56
C GLY B 157 11.05 8.34 17.97
N ASP B 158 11.34 9.54 18.44
CA ASP B 158 10.93 9.94 19.78
C ASP B 158 9.51 10.47 19.88
N LYS B 159 8.85 10.67 18.75
CA LYS B 159 7.49 11.19 18.76
C LYS B 159 6.53 10.28 17.99
N ILE B 160 5.29 10.22 18.48
CA ILE B 160 4.27 9.39 17.85
C ILE B 160 3.84 9.97 16.50
N THR B 161 3.47 9.09 15.57
CA THR B 161 3.01 9.50 14.24
C THR B 161 1.85 8.57 13.89
N PHE B 162 1.19 8.81 12.76
CA PHE B 162 0.07 7.95 12.40
C PHE B 162 0.46 6.50 12.18
N VAL B 163 1.72 6.25 11.83
CA VAL B 163 2.13 4.88 11.57
C VAL B 163 2.08 4.00 12.82
N ASP B 164 2.18 4.61 14.00
CA ASP B 164 2.12 3.84 15.24
C ASP B 164 0.74 3.23 15.43
N PHE B 165 -0.28 3.89 14.88
CA PHE B 165 -1.63 3.39 15.00
C PHE B 165 -1.83 2.17 14.11
N ILE B 166 -1.20 2.19 12.93
CA ILE B 166 -1.28 1.05 12.01
C ILE B 166 -0.49 -0.10 12.65
N ALA B 167 0.67 0.22 13.20
CA ALA B 167 1.52 -0.79 13.83
C ALA B 167 0.81 -1.46 14.99
N TYR B 168 0.18 -0.66 15.85
CA TYR B 168 -0.55 -1.20 16.99
C TYR B 168 -1.60 -2.19 16.51
N ASP B 169 -2.37 -1.80 15.51
CA ASP B 169 -3.42 -2.65 14.97
C ASP B 169 -2.89 -4.00 14.49
N VAL B 170 -1.81 -3.98 13.71
CA VAL B 170 -1.23 -5.20 13.18
C VAL B 170 -0.63 -6.09 14.26
N LEU B 171 0.13 -5.49 15.18
CA LEU B 171 0.75 -6.23 16.27
C LEU B 171 -0.27 -6.85 17.19
N GLU B 172 -1.26 -6.06 17.58
CA GLU B 172 -2.31 -6.53 18.47
C GLU B 172 -3.09 -7.66 17.80
N ARG B 173 -3.43 -7.48 16.52
CA ARG B 173 -4.17 -8.49 15.76
C ARG B 173 -3.40 -9.80 15.64
N ASN B 174 -2.11 -9.72 15.31
CA ASN B 174 -1.33 -10.94 15.18
C ASN B 174 -1.17 -11.66 16.50
N GLN B 175 -1.16 -10.93 17.60
CA GLN B 175 -1.03 -11.56 18.91
C GLN B 175 -2.30 -12.35 19.25
N VAL B 176 -3.43 -11.91 18.71
CA VAL B 176 -4.68 -12.62 18.93
C VAL B 176 -4.68 -13.87 18.05
N PHE B 177 -4.15 -13.73 16.84
CA PHE B 177 -4.08 -14.84 15.89
C PHE B 177 -3.15 -15.93 16.40
N GLU B 178 -2.01 -15.52 16.95
CA GLU B 178 -1.03 -16.46 17.49
C GLU B 178 -0.51 -15.90 18.81
N ALA B 179 -1.08 -16.36 19.91
CA ALA B 179 -0.66 -15.90 21.22
C ALA B 179 0.84 -16.13 21.39
N LYS B 180 1.50 -15.24 22.12
CA LYS B 180 2.93 -15.39 22.35
C LYS B 180 3.83 -15.06 21.16
N CYS B 181 3.27 -14.69 20.02
CA CYS B 181 4.13 -14.36 18.88
C CYS B 181 4.96 -13.10 19.14
N LEU B 182 4.68 -12.44 20.27
CA LEU B 182 5.41 -11.24 20.66
C LEU B 182 6.24 -11.47 21.91
N ASP B 183 6.05 -12.62 22.55
CA ASP B 183 6.78 -12.94 23.78
C ASP B 183 8.30 -12.76 23.72
N ALA B 184 8.90 -13.11 22.59
CA ALA B 184 10.35 -12.98 22.43
C ALA B 184 10.79 -11.55 22.15
N PHE B 185 9.83 -10.64 22.04
CA PHE B 185 10.14 -9.25 21.72
C PHE B 185 9.56 -8.28 22.74
N PRO B 186 10.21 -8.15 23.90
CA PRO B 186 9.76 -7.26 24.96
C PRO B 186 9.44 -5.82 24.50
N ASN B 187 10.24 -5.28 23.60
CA ASN B 187 9.99 -3.92 23.14
C ASN B 187 8.65 -3.77 22.41
N LEU B 188 8.16 -4.83 21.76
CA LEU B 188 6.87 -4.74 21.08
C LEU B 188 5.75 -4.83 22.11
N LYS B 189 5.98 -5.60 23.16
CA LYS B 189 4.99 -5.72 24.21
C LYS B 189 4.90 -4.38 24.93
N ASP B 190 6.06 -3.77 25.18
CA ASP B 190 6.07 -2.46 25.85
C ASP B 190 5.38 -1.42 24.97
N PHE B 191 5.56 -1.53 23.65
CA PHE B 191 4.95 -0.60 22.72
C PHE B 191 3.41 -0.69 22.82
N ILE B 192 2.89 -1.92 22.86
CA ILE B 192 1.46 -2.11 22.98
C ILE B 192 0.93 -1.49 24.28
N ALA B 193 1.67 -1.67 25.36
CA ALA B 193 1.27 -1.11 26.66
C ALA B 193 1.35 0.42 26.65
N ARG B 194 2.38 0.94 26.00
CA ARG B 194 2.59 2.38 25.89
C ARG B 194 1.44 3.02 25.10
N PHE B 195 1.09 2.37 23.99
CA PHE B 195 0.02 2.85 23.13
C PHE B 195 -1.33 2.86 23.86
N GLU B 196 -1.69 1.72 24.42
CA GLU B 196 -2.97 1.61 25.13
C GLU B 196 -2.97 2.49 26.38
N GLY B 197 -1.78 2.88 26.82
CA GLY B 197 -1.64 3.72 27.99
C GLY B 197 -1.87 5.21 27.73
N LEU B 198 -1.86 5.60 26.46
CA LEU B 198 -2.08 7.00 26.11
C LEU B 198 -3.45 7.41 26.63
N LYS B 199 -3.51 8.56 27.30
CA LYS B 199 -4.75 9.04 27.90
C LYS B 199 -6.00 8.91 27.02
N LYS B 200 -5.96 9.50 25.83
CA LYS B 200 -7.11 9.45 24.92
C LYS B 200 -7.48 8.03 24.50
N ILE B 201 -6.46 7.17 24.35
CA ILE B 201 -6.70 5.79 23.95
C ILE B 201 -7.25 4.99 25.12
N SER B 202 -6.65 5.17 26.30
CA SER B 202 -7.09 4.47 27.50
C SER B 202 -8.55 4.78 27.79
N ASP B 203 -8.91 6.06 27.71
CA ASP B 203 -10.29 6.46 27.97
C ASP B 203 -11.24 5.85 26.93
N TYR B 204 -10.82 5.91 25.67
CA TYR B 204 -11.63 5.38 24.56
C TYR B 204 -11.92 3.90 24.72
N MSE B 205 -10.91 3.12 25.11
CA MSE B 205 -11.08 1.69 25.26
C MSE B 205 -12.04 1.29 26.39
O MSE B 205 -12.43 0.13 26.51
CB MSE B 205 -9.73 1.02 25.44
CG MSE B 205 -8.81 1.23 24.25
SE MSE B 205 -7.16 0.24 24.35
CE MSE B 205 -6.78 0.12 22.46
N LYS B 206 -12.39 2.26 27.23
CA LYS B 206 -13.32 2.00 28.32
C LYS B 206 -14.74 2.40 27.91
N THR B 207 -14.91 2.91 26.70
CA THR B 207 -16.22 3.33 26.21
C THR B 207 -16.86 2.31 25.27
N SER B 208 -18.16 2.44 25.07
CA SER B 208 -18.91 1.54 24.19
C SER B 208 -18.60 1.76 22.71
N ARG B 209 -17.88 2.83 22.39
CA ARG B 209 -17.54 3.11 21.01
C ARG B 209 -16.34 2.28 20.55
N PHE B 210 -15.59 1.75 21.51
CA PHE B 210 -14.43 0.92 21.20
C PHE B 210 -14.93 -0.38 20.56
N LEU B 211 -14.36 -0.74 19.42
CA LEU B 211 -14.78 -1.94 18.69
C LEU B 211 -13.60 -2.82 18.30
N PRO B 212 -13.08 -3.62 19.25
CA PRO B 212 -11.94 -4.52 19.05
C PRO B 212 -12.18 -5.78 18.21
N ARG B 213 -13.44 -6.19 18.10
CA ARG B 213 -13.81 -7.38 17.34
C ARG B 213 -15.13 -7.13 16.62
N PRO B 214 -15.42 -7.89 15.56
CA PRO B 214 -14.62 -8.98 14.96
C PRO B 214 -13.47 -8.43 14.11
N MSE B 215 -12.51 -9.31 13.79
CA MSE B 215 -11.37 -8.92 12.98
C MSE B 215 -11.71 -8.75 11.51
O MSE B 215 -11.15 -7.89 10.83
CB MSE B 215 -10.26 -9.98 13.11
CG MSE B 215 -9.72 -10.14 14.51
SE MSE B 215 -8.80 -8.56 15.12
CE MSE B 215 -7.88 -9.34 16.63
N PHE B 216 -12.62 -9.59 11.01
CA PHE B 216 -13.00 -9.56 9.60
C PHE B 216 -14.51 -9.65 9.44
N THR B 217 -14.99 -9.54 8.21
CA THR B 217 -16.42 -9.62 7.94
C THR B 217 -16.94 -11.05 8.08
N LYS B 218 -18.25 -11.22 7.97
CA LYS B 218 -18.87 -12.53 8.09
C LYS B 218 -18.41 -13.53 7.04
N MSE B 219 -17.82 -13.02 5.95
CA MSE B 219 -17.35 -13.89 4.87
C MSE B 219 -16.04 -14.61 5.22
O MSE B 219 -15.63 -15.53 4.53
CB MSE B 219 -17.14 -13.08 3.60
CG MSE B 219 -18.39 -12.40 3.07
SE MSE B 219 -18.03 -11.50 1.42
CE MSE B 219 -17.44 -9.80 2.11
N ALA B 220 -15.39 -14.17 6.29
CA ALA B 220 -14.13 -14.76 6.71
C ALA B 220 -14.29 -16.11 7.39
N THR B 221 -13.28 -16.97 7.21
CA THR B 221 -13.28 -18.30 7.81
C THR B 221 -12.76 -18.19 9.24
N TRP B 222 -11.84 -17.25 9.44
CA TRP B 222 -11.26 -17.01 10.77
C TRP B 222 -11.45 -15.54 11.11
N GLY B 223 -11.81 -15.26 12.35
CA GLY B 223 -11.99 -13.88 12.78
C GLY B 223 -13.31 -13.23 12.42
N SER B 224 -14.28 -14.02 11.96
CA SER B 224 -15.58 -13.47 11.61
C SER B 224 -16.29 -13.09 12.91
N ASN B 225 -15.69 -13.48 14.03
CA ASN B 225 -16.20 -13.20 15.36
C ASN B 225 -15.45 -14.08 16.35
#